data_4MEE
#
_entry.id   4MEE
#
_cell.length_a   40.330
_cell.length_b   85.850
_cell.length_c   134.050
_cell.angle_alpha   90.00
_cell.angle_beta   90.00
_cell.angle_gamma   90.00
#
_symmetry.space_group_name_H-M   'P 21 21 21'
#
_entity_poly.entity_id   1
_entity_poly.type   'polypeptide(L)'
_entity_poly.pdbx_seq_one_letter_code
;HHHHHHSRRSPEYFKGPPSPRSLNPTKESAGNTLTVSNYTGTPGSVISLGGVLEGDNSLTDRLVVKGNTSGQSDIVYVNE
DGSGGQTRDGINIISVEGNSDAEFSLKNRVVAGAYDYTLQKGNESGTDNKGWYLTSHLPTSDTRQYRPENGSYATNMTLA
NSLFLMDLNERKQFRAMSDNTQPESASVWMRITGGRSSGKLNDGQNKTTTNQFINQLGGDIYKFHAEQLGDFTLGIMGGY
ANAKGKTINYTSNKAARNTLDGYSVGVYGTWYQNGENATGLFAETWMQYNWFNASVKGDGLEEEKYNLNGLTASAGGGYN
LNVHTWTSPEGITGEFWLQPHLQAVWMGVTPDTHQEDNGTVVQGAGKNNIQTKAGIRASWKVKSTLDKDTGREFSPYIEA
NWIHNTHEFGVKMSDDSQLLSGSRNQGEIKTGIEGVITQNLSVNGGVAYQAGGHGSNAISGALGIKYSF
;
_entity_poly.pdbx_strand_id   A
#
# COMPACT_ATOMS: atom_id res chain seq x y z
N GLN A 145 31.44 -10.05 -3.83
CA GLN A 145 30.26 -9.86 -4.72
C GLN A 145 29.09 -10.63 -4.17
N TYR A 146 27.92 -10.02 -4.25
CA TYR A 146 26.73 -10.62 -3.74
C TYR A 146 25.82 -10.83 -4.92
N ARG A 147 25.23 -12.01 -5.02
CA ARG A 147 24.41 -12.35 -6.16
C ARG A 147 23.28 -11.38 -6.21
N PRO A 148 22.75 -11.14 -7.39
CA PRO A 148 21.60 -10.28 -7.57
C PRO A 148 20.38 -10.92 -6.99
N GLU A 149 20.39 -12.23 -6.93
CA GLU A 149 19.20 -12.98 -6.59
C GLU A 149 18.71 -12.62 -5.23
N ASN A 150 19.56 -12.05 -4.41
CA ASN A 150 19.11 -11.64 -3.12
C ASN A 150 18.17 -10.51 -3.32
N GLY A 151 18.47 -9.64 -4.26
CA GLY A 151 17.63 -8.48 -4.44
C GLY A 151 16.27 -8.99 -4.82
N SER A 152 16.24 -10.03 -5.61
CA SER A 152 14.99 -10.56 -6.03
C SER A 152 14.19 -11.17 -4.92
N TYR A 153 14.82 -11.95 -4.07
CA TYR A 153 14.07 -12.55 -3.01
C TYR A 153 13.55 -11.50 -2.07
N ALA A 154 14.41 -10.55 -1.74
CA ALA A 154 14.11 -9.51 -0.77
C ALA A 154 13.01 -8.60 -1.26
N THR A 155 12.96 -8.38 -2.55
CA THR A 155 11.89 -7.60 -3.11
C THR A 155 10.53 -8.25 -3.10
N ASN A 156 10.45 -9.54 -3.40
CA ASN A 156 9.17 -10.16 -3.41
C ASN A 156 8.57 -10.12 -2.04
N MET A 157 9.43 -10.16 -1.05
CA MET A 157 9.02 -10.08 0.30
C MET A 157 8.39 -8.74 0.62
N THR A 158 8.99 -7.68 0.11
CA THR A 158 8.53 -6.35 0.35
C THR A 158 7.21 -6.08 -0.30
N LEU A 159 7.08 -6.51 -1.53
CA LEU A 159 5.87 -6.34 -2.31
C LEU A 159 4.76 -7.13 -1.72
N ALA A 160 5.07 -8.32 -1.27
CA ALA A 160 4.08 -9.21 -0.78
C ALA A 160 3.36 -8.58 0.37
N ASN A 161 4.08 -7.78 1.15
CA ASN A 161 3.45 -7.13 2.29
C ASN A 161 2.87 -5.75 2.03
N SER A 162 3.36 -5.05 1.04
CA SER A 162 2.82 -3.74 0.77
C SER A 162 1.95 -3.71 -0.46
N LEU A 163 1.79 -4.84 -1.12
CA LEU A 163 1.00 -4.83 -2.34
C LEU A 163 -0.50 -4.59 -2.18
N PHE A 164 -1.13 -5.11 -1.13
CA PHE A 164 -2.57 -5.00 -1.01
C PHE A 164 -3.00 -4.05 0.06
N LEU A 165 -2.13 -3.13 0.41
CA LEU A 165 -2.38 -2.19 1.47
C LEU A 165 -3.49 -1.25 1.10
N MET A 166 -4.29 -0.82 2.06
CA MET A 166 -5.30 0.18 1.78
C MET A 166 -5.14 1.34 2.73
N ASP A 167 -4.91 2.53 2.20
CA ASP A 167 -4.69 3.69 3.02
C ASP A 167 -5.97 4.22 3.58
N LEU A 168 -5.85 5.12 4.54
CA LEU A 168 -7.00 5.73 5.15
C LEU A 168 -7.64 6.57 4.10
N ASN A 169 -8.93 6.81 4.27
CA ASN A 169 -9.69 7.77 3.49
C ASN A 169 -10.05 7.22 2.13
N GLU A 170 -9.56 6.03 1.82
CA GLU A 170 -9.93 5.43 0.57
C GLU A 170 -11.36 4.93 0.65
N ARG A 171 -11.69 4.31 1.78
CA ARG A 171 -13.00 3.72 1.94
C ARG A 171 -14.03 4.72 2.41
N LYS A 172 -14.45 5.62 1.55
CA LYS A 172 -15.43 6.59 1.97
C LYS A 172 -16.33 6.94 0.82
N GLN A 173 -17.45 7.56 1.13
CA GLN A 173 -18.40 8.00 0.13
C GLN A 173 -18.23 9.49 -0.17
N SER A 187 -20.33 1.76 -1.18
CA SER A 187 -21.28 0.66 -1.12
C SER A 187 -20.68 -0.50 -1.89
N VAL A 188 -20.29 -0.23 -3.12
CA VAL A 188 -19.64 -1.22 -3.91
C VAL A 188 -18.53 -0.54 -4.65
N TRP A 189 -17.29 -0.90 -4.35
CA TRP A 189 -16.17 -0.19 -4.92
C TRP A 189 -15.22 -1.06 -5.71
N MET A 190 -14.21 -0.42 -6.28
CA MET A 190 -13.26 -1.07 -7.13
C MET A 190 -12.10 -0.11 -7.30
N ARG A 191 -10.87 -0.57 -7.16
CA ARG A 191 -9.75 0.33 -7.29
C ARG A 191 -8.69 -0.36 -8.10
N ILE A 192 -8.01 0.39 -8.95
CA ILE A 192 -7.06 -0.21 -9.84
C ILE A 192 -5.82 0.59 -9.80
N THR A 193 -4.70 -0.01 -9.47
CA THR A 193 -3.48 0.73 -9.29
C THR A 193 -2.35 0.31 -10.18
N GLY A 194 -1.42 1.22 -10.44
CA GLY A 194 -0.24 0.92 -11.22
C GLY A 194 0.92 1.56 -10.52
N GLY A 195 2.08 0.94 -10.49
CA GLY A 195 3.16 1.53 -9.75
C GLY A 195 4.53 1.05 -10.17
N ARG A 196 5.54 1.80 -9.82
CA ARG A 196 6.88 1.37 -10.11
C ARG A 196 7.66 1.62 -8.85
N SER A 197 8.67 0.80 -8.58
CA SER A 197 9.45 0.99 -7.37
C SER A 197 10.93 0.73 -7.60
N SER A 198 11.76 1.47 -6.90
CA SER A 198 13.20 1.29 -7.03
C SER A 198 13.76 1.08 -5.65
N GLY A 199 14.73 0.17 -5.50
CA GLY A 199 15.27 -0.14 -4.19
C GLY A 199 16.66 -0.73 -4.27
N LYS A 200 17.33 -0.84 -3.12
CA LYS A 200 18.68 -1.38 -3.11
C LYS A 200 18.99 -2.13 -1.83
N LEU A 201 20.08 -2.90 -1.85
CA LEU A 201 20.49 -3.73 -0.72
C LEU A 201 21.76 -3.20 -0.09
N ASN A 202 22.12 -3.83 1.02
CA ASN A 202 23.28 -3.49 1.78
C ASN A 202 24.50 -3.65 0.97
N ASP A 203 24.31 -4.22 -0.20
CA ASP A 203 25.40 -4.62 -1.04
C ASP A 203 26.29 -3.49 -1.37
N GLY A 204 25.66 -2.39 -1.72
CA GLY A 204 26.37 -1.30 -2.30
C GLY A 204 26.50 -1.76 -3.73
N GLN A 205 25.76 -2.79 -4.06
CA GLN A 205 25.87 -3.31 -5.40
C GLN A 205 24.58 -3.49 -6.17
N ASN A 206 23.54 -4.03 -5.53
CA ASN A 206 22.35 -4.42 -6.25
C ASN A 206 21.21 -3.47 -6.15
N LYS A 207 20.65 -3.09 -7.29
CA LYS A 207 19.51 -2.20 -7.35
C LYS A 207 18.39 -2.87 -8.13
N THR A 208 17.18 -2.78 -7.61
CA THR A 208 16.05 -3.47 -8.17
C THR A 208 14.96 -2.51 -8.52
N THR A 209 14.33 -2.73 -9.65
CA THR A 209 13.26 -1.87 -10.07
C THR A 209 12.13 -2.72 -10.54
N THR A 210 10.92 -2.41 -10.12
CA THR A 210 9.82 -3.25 -10.52
C THR A 210 8.65 -2.43 -10.92
N ASN A 211 7.76 -3.01 -11.70
CA ASN A 211 6.53 -2.35 -12.04
C ASN A 211 5.45 -3.29 -11.60
N GLN A 212 4.32 -2.78 -11.16
CA GLN A 212 3.29 -3.69 -10.70
C GLN A 212 1.88 -3.23 -11.06
N PHE A 213 0.92 -4.14 -11.07
CA PHE A 213 -0.47 -3.78 -11.31
C PHE A 213 -1.34 -4.41 -10.25
N ILE A 214 -2.26 -3.65 -9.68
CA ILE A 214 -3.11 -4.19 -8.63
C ILE A 214 -4.57 -3.89 -8.85
N ASN A 215 -5.44 -4.81 -8.46
CA ASN A 215 -6.87 -4.58 -8.59
C ASN A 215 -7.56 -5.01 -7.35
N GLN A 216 -8.50 -4.20 -6.88
CA GLN A 216 -9.14 -4.50 -5.62
C GLN A 216 -10.61 -4.21 -5.73
N LEU A 217 -11.42 -4.94 -4.99
CA LEU A 217 -12.84 -4.62 -4.99
C LEU A 217 -13.42 -5.12 -3.71
N GLY A 218 -14.56 -4.56 -3.34
CA GLY A 218 -15.14 -4.91 -2.07
C GLY A 218 -16.53 -4.35 -2.03
N GLY A 219 -17.21 -4.53 -0.91
CA GLY A 219 -18.56 -4.04 -0.75
C GLY A 219 -18.91 -3.86 0.70
N ASP A 220 -19.98 -3.12 0.96
CA ASP A 220 -20.41 -2.90 2.32
C ASP A 220 -21.48 -3.89 2.63
N ILE A 221 -21.33 -4.59 3.74
CA ILE A 221 -22.31 -5.53 4.14
C ILE A 221 -23.32 -4.92 5.09
N TYR A 222 -22.83 -4.30 6.16
CA TYR A 222 -23.67 -3.72 7.17
C TYR A 222 -23.48 -2.22 7.19
N LYS A 223 -24.42 -1.51 7.80
CA LYS A 223 -24.27 -0.08 8.08
C LYS A 223 -25.05 0.38 9.32
N PHE A 224 -24.65 -0.06 10.49
CA PHE A 224 -25.46 0.22 11.66
C PHE A 224 -25.14 1.52 12.31
N HIS A 225 -25.86 2.57 11.97
CA HIS A 225 -25.72 3.82 12.70
C HIS A 225 -26.30 3.66 14.11
N ALA A 226 -25.60 4.16 15.12
CA ALA A 226 -26.05 4.01 16.49
C ALA A 226 -26.23 5.35 17.18
N GLU A 227 -27.25 5.44 18.01
CA GLU A 227 -27.56 6.68 18.71
C GLU A 227 -26.51 7.03 19.76
N GLN A 228 -25.98 6.03 20.43
CA GLN A 228 -25.04 6.33 21.47
C GLN A 228 -23.72 6.86 20.94
N LEU A 229 -23.10 6.13 20.00
CA LEU A 229 -21.73 6.46 19.58
C LEU A 229 -21.36 6.78 18.14
N GLY A 230 -22.14 6.43 17.13
CA GLY A 230 -21.71 6.81 15.79
C GLY A 230 -22.25 6.05 14.62
N ASP A 231 -21.60 6.18 13.46
CA ASP A 231 -22.00 5.45 12.27
C ASP A 231 -20.96 4.45 11.94
N PHE A 232 -21.35 3.18 11.85
CA PHE A 232 -20.41 2.14 11.54
C PHE A 232 -20.66 1.53 10.17
N THR A 233 -19.62 1.02 9.55
CA THR A 233 -19.77 0.25 8.34
C THR A 233 -18.93 -1.00 8.41
N LEU A 234 -19.46 -2.11 7.91
CA LEU A 234 -18.69 -3.35 7.84
C LEU A 234 -18.81 -3.92 6.46
N GLY A 235 -17.69 -4.25 5.83
CA GLY A 235 -17.73 -4.64 4.45
C GLY A 235 -16.74 -5.74 4.18
N ILE A 236 -16.60 -6.12 2.93
CA ILE A 236 -15.60 -7.10 2.58
C ILE A 236 -14.87 -6.74 1.31
N MET A 237 -13.61 -7.16 1.22
CA MET A 237 -12.74 -6.77 0.13
C MET A 237 -11.97 -7.96 -0.39
N GLY A 238 -11.49 -7.87 -1.62
CA GLY A 238 -10.68 -8.93 -2.21
C GLY A 238 -9.87 -8.32 -3.32
N GLY A 239 -8.79 -8.96 -3.77
CA GLY A 239 -7.99 -8.37 -4.83
C GLY A 239 -7.09 -9.36 -5.53
N TYR A 240 -6.53 -8.96 -6.66
CA TYR A 240 -5.57 -9.77 -7.36
C TYR A 240 -4.50 -8.82 -7.82
N ALA A 241 -3.23 -9.18 -7.66
CA ALA A 241 -2.18 -8.26 -8.04
C ALA A 241 -1.05 -8.98 -8.67
N ASN A 242 -0.20 -8.27 -9.39
CA ASN A 242 0.93 -8.94 -9.98
C ASN A 242 2.13 -8.03 -10.22
N ALA A 243 3.35 -8.53 -10.07
CA ALA A 243 4.50 -7.65 -10.25
C ALA A 243 5.67 -8.32 -10.91
N LYS A 244 6.53 -7.54 -11.52
CA LYS A 244 7.73 -8.06 -12.17
C LYS A 244 8.91 -7.16 -11.85
N GLY A 245 10.05 -7.73 -11.51
CA GLY A 245 11.18 -6.90 -11.14
C GLY A 245 12.45 -7.38 -11.79
N LYS A 246 13.49 -6.56 -11.74
CA LYS A 246 14.76 -6.97 -12.24
C LYS A 246 15.86 -6.36 -11.40
N THR A 247 16.88 -7.14 -11.06
CA THR A 247 17.93 -6.65 -10.21
C THR A 247 19.23 -6.70 -10.95
N ILE A 248 19.97 -5.60 -10.95
CA ILE A 248 21.22 -5.55 -11.67
C ILE A 248 22.34 -5.23 -10.71
N ASN A 249 23.48 -5.85 -10.92
CA ASN A 249 24.62 -5.66 -10.05
C ASN A 249 25.64 -4.73 -10.67
N TYR A 250 25.81 -3.56 -10.05
CA TYR A 250 26.66 -2.52 -10.60
C TYR A 250 28.12 -2.89 -10.73
N THR A 251 28.71 -3.50 -9.72
CA THR A 251 30.07 -3.97 -9.84
C THR A 251 30.29 -5.25 -10.63
N SER A 252 29.54 -6.29 -10.33
CA SER A 252 29.60 -7.53 -11.10
C SER A 252 28.95 -7.49 -12.47
N ASN A 253 27.86 -6.74 -12.61
CA ASN A 253 27.17 -6.62 -13.87
C ASN A 253 26.34 -7.85 -14.15
N LYS A 254 26.28 -8.74 -13.16
CA LYS A 254 25.42 -9.90 -13.24
C LYS A 254 23.98 -9.46 -12.98
N ALA A 255 23.01 -10.24 -13.39
CA ALA A 255 21.63 -9.79 -13.28
C ALA A 255 20.62 -10.85 -12.84
N ALA A 256 19.44 -10.43 -12.41
CA ALA A 256 18.40 -11.38 -12.08
C ALA A 256 17.02 -10.78 -12.17
N ARG A 257 16.00 -11.60 -12.27
CA ARG A 257 14.65 -11.08 -12.39
C ARG A 257 13.71 -11.77 -11.43
N ASN A 258 12.60 -11.14 -11.08
CA ASN A 258 11.63 -11.77 -10.20
C ASN A 258 10.21 -11.46 -10.59
N THR A 259 9.29 -12.37 -10.32
CA THR A 259 7.89 -12.10 -10.62
C THR A 259 6.99 -12.58 -9.53
N LEU A 260 5.80 -12.02 -9.43
CA LEU A 260 4.95 -12.35 -8.30
C LEU A 260 3.46 -12.18 -8.64
N ASP A 261 2.64 -13.16 -8.29
CA ASP A 261 1.20 -13.10 -8.54
C ASP A 261 0.56 -13.41 -7.25
N GLY A 262 -0.44 -12.65 -6.84
CA GLY A 262 -0.99 -12.84 -5.51
C GLY A 262 -2.47 -12.65 -5.47
N TYR A 263 -3.09 -12.98 -4.34
CA TYR A 263 -4.52 -12.82 -4.13
C TYR A 263 -4.79 -12.38 -2.71
N SER A 264 -5.89 -11.68 -2.46
CA SER A 264 -6.22 -11.29 -1.09
C SER A 264 -7.70 -11.35 -0.79
N VAL A 265 -8.05 -11.47 0.48
CA VAL A 265 -9.44 -11.43 0.83
C VAL A 265 -9.54 -11.04 2.27
N GLY A 266 -10.56 -10.30 2.61
CA GLY A 266 -10.65 -9.87 4.00
C GLY A 266 -11.84 -8.99 4.23
N VAL A 267 -11.87 -8.39 5.41
CA VAL A 267 -12.97 -7.57 5.82
C VAL A 267 -12.42 -6.28 6.38
N TYR A 268 -13.19 -5.20 6.25
CA TYR A 268 -12.78 -3.90 6.77
C TYR A 268 -13.85 -3.24 7.60
N GLY A 269 -13.48 -2.22 8.36
CA GLY A 269 -14.41 -1.52 9.24
C GLY A 269 -14.21 -0.02 9.21
N THR A 270 -15.28 0.73 9.44
CA THR A 270 -15.22 2.17 9.41
C THR A 270 -16.03 2.77 10.53
N TRP A 271 -15.60 3.90 11.08
CA TRP A 271 -16.37 4.56 12.13
C TRP A 271 -16.29 6.06 12.03
N TYR A 272 -17.42 6.75 12.16
CA TYR A 272 -17.42 8.21 12.26
C TYR A 272 -18.28 8.62 13.42
N GLN A 273 -17.78 9.44 14.31
CA GLN A 273 -18.60 9.89 15.43
C GLN A 273 -19.70 10.87 15.07
N ASN A 274 -19.39 11.87 14.26
CA ASN A 274 -20.40 12.82 13.88
C ASN A 274 -20.83 12.58 12.46
N GLY A 275 -20.41 11.47 11.88
CA GLY A 275 -20.76 11.17 10.51
C GLY A 275 -19.76 11.81 9.58
N GLU A 276 -19.64 11.31 8.36
CA GLU A 276 -18.71 11.90 7.44
C GLU A 276 -19.38 13.13 6.93
N ASN A 277 -18.61 14.07 6.42
CA ASN A 277 -19.12 15.35 5.95
C ASN A 277 -19.30 16.34 7.09
N ALA A 278 -18.73 16.03 8.23
CA ALA A 278 -18.83 16.90 9.37
C ALA A 278 -17.60 16.71 10.21
N THR A 279 -17.27 17.72 10.99
CA THR A 279 -16.11 17.67 11.85
C THR A 279 -16.23 16.60 12.91
N GLY A 280 -15.13 15.93 13.22
CA GLY A 280 -15.13 14.93 14.28
C GLY A 280 -14.15 13.79 14.07
N LEU A 281 -14.07 12.90 15.07
CA LEU A 281 -13.15 11.77 15.06
C LEU A 281 -13.56 10.68 14.08
N PHE A 282 -12.60 9.93 13.57
CA PHE A 282 -12.91 8.82 12.70
C PHE A 282 -11.88 7.72 12.87
N ALA A 283 -12.23 6.51 12.46
CA ALA A 283 -11.32 5.38 12.58
C ALA A 283 -11.63 4.41 11.49
N GLU A 284 -10.64 3.66 11.04
CA GLU A 284 -10.84 2.69 10.00
C GLU A 284 -10.05 1.47 10.40
N THR A 285 -10.44 0.28 9.95
CA THR A 285 -9.65 -0.91 10.24
C THR A 285 -9.85 -2.00 9.25
N TRP A 286 -8.86 -2.87 9.10
CA TRP A 286 -9.09 -4.00 8.23
C TRP A 286 -8.15 -5.12 8.44
N MET A 287 -8.48 -6.28 7.92
CA MET A 287 -7.57 -7.37 8.04
C MET A 287 -7.77 -8.26 6.84
N GLN A 288 -6.72 -8.93 6.39
CA GLN A 288 -6.90 -9.75 5.20
C GLN A 288 -5.87 -10.86 5.10
N TYR A 289 -6.09 -11.81 4.20
CA TYR A 289 -5.14 -12.89 4.02
C TYR A 289 -4.57 -12.83 2.62
N ASN A 290 -3.27 -13.04 2.49
CA ASN A 290 -2.60 -12.97 1.20
C ASN A 290 -1.89 -14.26 0.78
N TRP A 291 -2.16 -14.73 -0.44
CA TRP A 291 -1.49 -15.88 -1.00
C TRP A 291 -0.75 -15.39 -2.21
N PHE A 292 0.55 -15.62 -2.28
CA PHE A 292 1.34 -15.15 -3.40
C PHE A 292 2.15 -16.27 -4.01
N ASN A 293 2.36 -16.25 -5.31
CA ASN A 293 3.19 -17.26 -5.92
C ASN A 293 4.33 -16.54 -6.51
N ALA A 294 5.54 -16.87 -6.09
CA ALA A 294 6.69 -16.09 -6.50
C ALA A 294 7.69 -16.93 -7.26
N SER A 295 8.57 -16.25 -7.98
CA SER A 295 9.64 -16.90 -8.73
C SER A 295 10.82 -16.02 -8.70
N VAL A 296 12.01 -16.59 -8.74
CA VAL A 296 13.20 -15.81 -8.95
C VAL A 296 14.02 -16.43 -10.04
N LYS A 297 14.52 -15.63 -10.97
CA LYS A 297 15.30 -16.19 -12.05
C LYS A 297 16.57 -15.42 -12.12
N GLY A 298 17.69 -16.12 -12.14
CA GLY A 298 18.97 -15.46 -12.29
C GLY A 298 19.23 -15.65 -13.76
N ASP A 299 19.92 -14.72 -14.39
CA ASP A 299 20.15 -14.88 -15.81
C ASP A 299 21.03 -16.07 -16.10
N GLY A 300 20.57 -16.90 -17.01
CA GLY A 300 21.36 -18.03 -17.45
C GLY A 300 21.16 -19.24 -16.61
N LEU A 301 20.38 -19.11 -15.54
CA LEU A 301 20.15 -20.19 -14.61
C LEU A 301 18.69 -20.51 -14.56
N GLU A 302 18.40 -21.74 -14.17
CA GLU A 302 17.06 -22.22 -14.16
C GLU A 302 16.28 -21.42 -13.14
N GLU A 303 14.96 -21.45 -13.24
CA GLU A 303 14.14 -20.58 -12.44
C GLU A 303 13.59 -21.22 -11.19
N GLU A 304 13.52 -20.44 -10.13
CA GLU A 304 13.09 -20.99 -8.85
C GLU A 304 11.78 -20.48 -8.32
N LYS A 305 10.92 -21.39 -7.93
CA LYS A 305 9.61 -21.02 -7.46
C LYS A 305 9.33 -21.38 -6.02
N TYR A 306 8.64 -20.49 -5.33
CA TYR A 306 8.25 -20.65 -3.94
C TYR A 306 6.95 -19.87 -3.66
N ASN A 307 6.44 -19.89 -2.41
CA ASN A 307 5.23 -19.15 -2.05
C ASN A 307 5.40 -18.23 -0.89
N LEU A 308 4.69 -17.12 -0.87
CA LEU A 308 4.61 -16.31 0.36
C LEU A 308 3.16 -16.12 0.73
N ASN A 309 2.81 -16.30 1.98
CA ASN A 309 1.44 -16.03 2.35
C ASN A 309 1.26 -15.59 3.77
N GLY A 310 0.17 -14.92 4.07
CA GLY A 310 0.05 -14.48 5.43
C GLY A 310 -1.02 -13.47 5.69
N LEU A 311 -0.93 -12.86 6.85
CA LEU A 311 -1.93 -11.95 7.31
C LEU A 311 -1.39 -10.56 7.27
N THR A 312 -2.25 -9.63 6.93
CA THR A 312 -1.90 -8.26 6.98
C THR A 312 -3.05 -7.63 7.70
N ALA A 313 -2.77 -6.73 8.63
CA ALA A 313 -3.83 -6.09 9.40
C ALA A 313 -3.51 -4.64 9.69
N SER A 314 -4.52 -3.78 9.74
CA SER A 314 -4.27 -2.36 9.91
C SER A 314 -5.24 -1.69 10.84
N ALA A 315 -4.78 -0.62 11.47
CA ALA A 315 -5.67 0.17 12.28
C ALA A 315 -5.28 1.61 12.30
N GLY A 316 -6.24 2.49 12.11
CA GLY A 316 -5.91 3.91 12.02
C GLY A 316 -7.05 4.87 12.33
N GLY A 317 -6.70 6.13 12.56
CA GLY A 317 -7.68 7.13 12.91
C GLY A 317 -7.29 8.55 12.56
N GLY A 318 -8.10 9.51 12.95
CA GLY A 318 -7.76 10.88 12.65
C GLY A 318 -8.80 11.84 13.16
N TYR A 319 -8.75 13.07 12.67
CA TYR A 319 -9.76 14.06 13.02
C TYR A 319 -10.12 14.91 11.80
N ASN A 320 -11.40 14.87 11.42
CA ASN A 320 -11.91 15.71 10.36
C ASN A 320 -12.33 17.07 10.89
N LEU A 321 -11.87 18.13 10.21
CA LEU A 321 -12.12 19.49 10.65
C LEU A 321 -12.48 20.39 9.47
N ASN A 322 -13.68 20.98 9.54
CA ASN A 322 -14.11 21.97 8.56
C ASN A 322 -13.58 23.35 8.93
N VAL A 323 -12.59 23.80 8.19
CA VAL A 323 -11.88 25.05 8.49
C VAL A 323 -12.71 26.26 8.06
N HIS A 324 -13.01 26.33 6.77
CA HIS A 324 -13.69 27.49 6.18
C HIS A 324 -14.73 27.06 5.14
N THR A 325 -15.76 27.86 4.96
CA THR A 325 -16.70 27.57 3.93
C THR A 325 -17.01 28.89 3.26
N TRP A 326 -16.95 28.91 1.94
CA TRP A 326 -17.06 30.16 1.20
C TRP A 326 -17.97 29.96 0.01
N THR A 327 -18.40 31.05 -0.60
CA THR A 327 -19.25 30.95 -1.77
C THR A 327 -18.77 31.98 -2.77
N SER A 328 -18.55 31.55 -4.01
CA SER A 328 -18.11 32.47 -5.04
C SER A 328 -19.28 33.17 -5.71
N PRO A 329 -19.11 34.47 -6.05
CA PRO A 329 -20.13 35.03 -6.93
C PRO A 329 -20.07 34.33 -8.28
N GLU A 330 -18.91 33.77 -8.59
CA GLU A 330 -18.72 33.02 -9.83
C GLU A 330 -19.61 31.80 -9.90
N ILE A 332 -18.41 27.66 -6.81
CA ILE A 332 -19.24 28.67 -6.16
C ILE A 332 -19.49 28.45 -4.67
N THR A 333 -19.59 27.19 -4.23
CA THR A 333 -19.64 26.92 -2.80
C THR A 333 -18.44 26.06 -2.50
N GLY A 334 -17.57 26.57 -1.65
CA GLY A 334 -16.33 25.87 -1.35
C GLY A 334 -16.32 25.40 0.09
N GLU A 335 -15.62 24.31 0.33
CA GLU A 335 -15.40 23.86 1.68
C GLU A 335 -13.91 23.62 1.77
N PHE A 336 -13.34 23.85 2.94
CA PHE A 336 -11.93 23.54 3.10
C PHE A 336 -11.72 22.79 4.39
N TRP A 337 -11.02 21.66 4.29
CA TRP A 337 -10.93 20.70 5.38
C TRP A 337 -9.49 20.36 5.73
N LEU A 338 -9.23 20.20 7.03
CA LEU A 338 -7.94 19.72 7.51
C LEU A 338 -8.10 18.41 8.29
N GLN A 339 -7.17 17.48 8.08
CA GLN A 339 -7.24 16.16 8.67
C GLN A 339 -5.88 15.64 9.14
N PRO A 340 -5.54 15.84 10.42
CA PRO A 340 -4.40 15.14 11.00
C PRO A 340 -4.79 13.69 11.29
N HIS A 341 -3.93 12.74 10.94
CA HIS A 341 -4.24 11.32 11.08
C HIS A 341 -3.04 10.43 11.40
N LEU A 342 -3.32 9.25 11.93
CA LEU A 342 -2.30 8.28 12.30
C LEU A 342 -2.77 6.87 11.92
N GLN A 343 -1.87 6.08 11.33
CA GLN A 343 -2.19 4.74 10.84
C GLN A 343 -1.06 3.76 11.15
N ALA A 344 -1.42 2.55 11.57
CA ALA A 344 -0.46 1.47 11.83
C ALA A 344 -0.86 0.18 11.10
N VAL A 345 0.11 -0.45 10.46
CA VAL A 345 -0.11 -1.70 9.72
C VAL A 345 0.84 -2.81 10.19
N TRP A 346 0.28 -3.99 10.44
CA TRP A 346 1.08 -5.18 10.75
C TRP A 346 1.24 -6.05 9.50
N MET A 347 2.48 -6.17 9.04
CA MET A 347 2.80 -6.96 7.86
C MET A 347 3.28 -8.35 8.27
N GLY A 348 2.43 -9.36 8.09
CA GLY A 348 2.73 -10.72 8.54
C GLY A 348 2.80 -11.77 7.45
N VAL A 349 3.14 -11.35 6.23
CA VAL A 349 3.33 -12.29 5.12
C VAL A 349 4.79 -12.75 5.11
N THR A 350 4.99 -14.05 5.27
CA THR A 350 6.32 -14.65 5.28
C THR A 350 6.48 -15.63 4.12
N PRO A 351 7.70 -15.74 3.59
CA PRO A 351 7.99 -16.61 2.46
C PRO A 351 8.23 -18.02 2.95
N ASP A 352 8.14 -18.97 2.04
CA ASP A 352 8.58 -20.32 2.28
C ASP A 352 10.08 -20.29 2.42
N THR A 353 10.63 -21.23 3.17
CA THR A 353 12.06 -21.42 3.21
C THR A 353 12.39 -22.22 1.98
N HIS A 354 13.26 -21.69 1.13
CA HIS A 354 13.45 -22.28 -0.19
C HIS A 354 14.91 -22.59 -0.53
N GLN A 355 15.14 -23.82 -0.97
CA GLN A 355 16.46 -24.26 -1.41
C GLN A 355 16.58 -24.23 -2.93
N GLU A 356 17.69 -23.69 -3.42
CA GLU A 356 17.90 -23.53 -4.85
C GLU A 356 18.55 -24.73 -5.50
N ASP A 357 18.67 -24.66 -6.82
CA ASP A 357 19.29 -25.71 -7.59
C ASP A 357 20.71 -25.94 -7.13
N ASN A 358 21.33 -24.88 -6.61
CA ASN A 358 22.72 -24.97 -6.17
C ASN A 358 22.88 -25.40 -4.72
N GLY A 359 21.75 -25.57 -4.04
CA GLY A 359 21.74 -26.04 -2.66
C GLY A 359 21.71 -24.90 -1.68
N THR A 360 21.55 -23.68 -2.18
CA THR A 360 21.51 -22.53 -1.31
C THR A 360 20.11 -22.35 -0.78
N VAL A 361 19.98 -22.31 0.54
CA VAL A 361 18.68 -22.09 1.16
C VAL A 361 18.45 -20.62 1.44
N VAL A 362 17.24 -20.16 1.18
CA VAL A 362 16.91 -18.75 1.33
C VAL A 362 15.65 -18.58 2.18
N GLN A 363 15.78 -17.79 3.24
CA GLN A 363 14.69 -17.51 4.17
C GLN A 363 14.42 -16.02 4.21
N GLY A 364 13.26 -15.63 4.70
CA GLY A 364 12.89 -14.22 4.73
C GLY A 364 13.42 -13.47 5.94
N ALA A 365 13.80 -12.22 5.72
CA ALA A 365 14.15 -11.34 6.82
C ALA A 365 13.15 -10.20 6.79
N GLY A 366 12.67 -9.82 7.98
CA GLY A 366 11.71 -8.73 8.14
C GLY A 366 10.32 -9.16 8.59
N LYS A 367 10.18 -10.41 9.02
CA LYS A 367 8.87 -10.93 9.38
C LYS A 367 8.27 -10.02 10.44
N ASN A 368 7.01 -9.65 10.25
CA ASN A 368 6.23 -8.91 11.25
C ASN A 368 6.52 -7.42 11.41
N ASN A 369 7.00 -6.78 10.34
CA ASN A 369 7.22 -5.34 10.30
C ASN A 369 5.96 -4.55 10.65
N ILE A 370 6.12 -3.46 11.40
CA ILE A 370 5.01 -2.56 11.68
C ILE A 370 5.25 -1.21 11.00
N GLN A 371 4.47 -0.93 9.97
CA GLN A 371 4.53 0.35 9.26
C GLN A 371 3.59 1.35 9.93
N THR A 372 4.14 2.49 10.31
CA THR A 372 3.37 3.57 10.91
C THR A 372 3.35 4.80 10.02
N LYS A 373 2.15 5.30 9.75
CA LYS A 373 1.96 6.51 8.97
C LYS A 373 1.35 7.59 9.85
N ALA A 374 1.99 8.75 9.88
CA ALA A 374 1.49 9.92 10.59
C ALA A 374 1.49 11.10 9.63
N GLY A 375 0.38 11.80 9.53
CA GLY A 375 0.29 12.89 8.58
C GLY A 375 -0.94 13.76 8.66
N ILE A 376 -1.04 14.68 7.70
CA ILE A 376 -2.17 15.57 7.60
C ILE A 376 -2.64 15.67 6.16
N ARG A 377 -3.95 15.61 5.97
CA ARG A 377 -4.53 15.83 4.65
C ARG A 377 -5.33 17.13 4.59
N ALA A 378 -5.12 17.89 3.52
CA ALA A 378 -5.86 19.11 3.26
C ALA A 378 -6.76 18.89 2.07
N SER A 379 -8.07 19.04 2.28
CA SER A 379 -9.04 18.76 1.24
C SER A 379 -9.83 20.01 0.93
N TRP A 380 -10.08 20.24 -0.36
CA TRP A 380 -10.87 21.38 -0.80
C TRP A 380 -12.08 20.89 -1.59
N LYS A 381 -13.23 20.83 -0.93
CA LYS A 381 -14.48 20.40 -1.58
C LYS A 381 -15.10 21.55 -2.39
N VAL A 382 -15.68 21.22 -3.54
CA VAL A 382 -16.33 22.23 -4.39
C VAL A 382 -17.67 21.73 -4.94
N LYS A 383 -18.69 22.59 -4.83
CA LYS A 383 -19.97 22.40 -5.50
C LYS A 383 -20.27 23.64 -6.35
N SER A 384 -21.29 23.54 -7.20
CA SER A 384 -21.70 24.66 -8.04
C SER A 384 -23.19 24.92 -7.96
N GLU A 393 -20.12 17.68 -7.93
CA GLU A 393 -19.06 18.11 -7.04
C GLU A 393 -17.68 17.62 -7.52
N PHE A 394 -16.62 18.19 -6.98
CA PHE A 394 -15.28 17.72 -7.25
C PHE A 394 -14.53 18.05 -5.99
N SER A 395 -13.63 17.19 -5.54
CA SER A 395 -12.93 17.46 -4.28
C SER A 395 -11.44 17.14 -4.28
N PRO A 396 -10.61 18.03 -4.85
CA PRO A 396 -9.18 17.69 -4.86
C PRO A 396 -8.54 17.73 -3.48
N TYR A 397 -7.44 16.99 -3.32
CA TYR A 397 -6.79 16.87 -2.03
C TYR A 397 -5.28 16.85 -2.13
N ILE A 398 -4.62 17.33 -1.08
CA ILE A 398 -3.17 17.17 -0.93
C ILE A 398 -2.88 16.54 0.41
N GLU A 399 -1.95 15.60 0.43
CA GLU A 399 -1.62 14.89 1.66
C GLU A 399 -0.12 14.66 1.82
N ALA A 400 0.37 14.81 3.06
CA ALA A 400 1.76 14.57 3.39
C ALA A 400 1.87 13.64 4.60
N ASN A 401 2.70 12.61 4.48
CA ASN A 401 2.84 11.60 5.53
C ASN A 401 4.30 11.26 5.87
N TRP A 402 4.49 10.81 7.11
CA TRP A 402 5.77 10.27 7.55
C TRP A 402 5.63 8.76 7.76
N ILE A 403 6.41 7.99 7.01
CA ILE A 403 6.37 6.55 7.12
C ILE A 403 7.54 6.06 7.94
N HIS A 404 7.24 5.26 8.95
CA HIS A 404 8.25 4.64 9.77
C HIS A 404 8.05 3.15 9.69
N ASN A 405 9.14 2.39 9.60
CA ASN A 405 9.05 0.94 9.64
C ASN A 405 9.84 0.38 10.79
N THR A 406 9.25 -0.57 11.51
CA THR A 406 9.92 -1.24 12.62
C THR A 406 11.02 -2.18 12.15
N HIS A 407 10.82 -2.87 11.04
CA HIS A 407 11.88 -3.69 10.44
C HIS A 407 12.25 -3.15 9.08
N GLU A 408 13.28 -3.72 8.48
CA GLU A 408 13.57 -3.45 7.08
C GLU A 408 13.66 -4.79 6.35
N PHE A 409 12.96 -4.89 5.23
CA PHE A 409 12.82 -6.16 4.53
C PHE A 409 14.10 -6.63 3.87
N GLY A 410 14.33 -7.94 3.93
CA GLY A 410 15.59 -8.49 3.48
C GLY A 410 15.62 -9.99 3.33
N VAL A 411 16.83 -10.55 3.40
CA VAL A 411 17.01 -11.96 3.11
C VAL A 411 18.11 -12.60 3.99
N LYS A 412 17.84 -13.81 4.45
CA LYS A 412 18.74 -14.55 5.36
C LYS A 412 19.26 -15.83 4.70
N MET A 413 20.56 -16.07 4.80
CA MET A 413 21.18 -17.24 4.17
C MET A 413 21.49 -18.44 5.05
N SER A 414 21.86 -19.55 4.41
CA SER A 414 22.15 -20.79 5.10
C SER A 414 23.31 -20.61 6.03
N ASP A 415 24.32 -19.91 5.52
CA ASP A 415 25.41 -19.45 6.34
C ASP A 415 24.86 -18.59 7.45
N ASP A 416 23.65 -18.12 7.28
CA ASP A 416 23.01 -17.05 8.03
C ASP A 416 23.74 -15.74 8.10
N SER A 417 24.11 -15.24 6.93
CA SER A 417 24.40 -13.84 6.76
C SER A 417 23.07 -13.19 6.41
N GLN A 418 23.05 -11.87 6.28
CA GLN A 418 21.83 -11.18 5.90
C GLN A 418 22.12 -10.07 4.91
N LEU A 419 21.12 -9.74 4.11
CA LEU A 419 21.14 -8.54 3.29
C LEU A 419 19.77 -7.88 3.41
N LEU A 420 19.76 -6.56 3.54
CA LEU A 420 18.52 -5.83 3.80
C LEU A 420 18.34 -4.66 2.84
N SER A 421 17.11 -4.19 2.71
CA SER A 421 16.79 -3.11 1.79
C SER A 421 16.00 -2.08 2.57
N GLY A 422 16.70 -1.05 3.03
CA GLY A 422 16.22 -0.24 4.14
C GLY A 422 15.58 1.10 3.88
N SER A 423 14.31 1.20 4.23
CA SER A 423 13.61 2.45 4.20
C SER A 423 12.88 2.49 5.51
N ARG A 424 13.65 2.60 6.58
CA ARG A 424 13.10 2.64 7.92
C ARG A 424 12.24 3.88 8.04
N ASN A 425 12.69 4.96 7.42
CA ASN A 425 11.97 6.21 7.44
C ASN A 425 11.79 6.71 6.03
N GLN A 426 10.58 7.11 5.69
CA GLN A 426 10.27 7.59 4.35
C GLN A 426 9.34 8.79 4.42
N GLY A 427 9.37 9.62 3.39
CA GLY A 427 8.43 10.73 3.25
C GLY A 427 7.43 10.45 2.13
N GLU A 428 6.16 10.71 2.38
CA GLU A 428 5.15 10.41 1.39
C GLU A 428 4.33 11.63 1.03
N ILE A 429 4.07 11.82 -0.24
CA ILE A 429 3.23 12.91 -0.69
C ILE A 429 2.18 12.39 -1.66
N LYS A 430 0.92 12.64 -1.32
CA LYS A 430 -0.20 12.20 -2.14
C LYS A 430 -0.94 13.40 -2.66
N THR A 431 -1.64 13.21 -3.77
CA THR A 431 -2.54 14.22 -4.30
C THR A 431 -3.45 13.58 -5.34
N GLY A 432 -4.60 14.18 -5.55
CA GLY A 432 -5.54 13.70 -6.56
C GLY A 432 -6.85 14.45 -6.53
N ILE A 433 -7.75 14.10 -7.45
CA ILE A 433 -9.07 14.73 -7.53
C ILE A 433 -10.16 13.65 -7.54
N GLU A 434 -11.23 13.88 -6.80
CA GLU A 434 -12.40 13.00 -6.81
C GLU A 434 -13.67 13.76 -7.23
N GLY A 435 -14.43 13.17 -8.15
CA GLY A 435 -15.62 13.82 -8.69
C GLY A 435 -16.89 12.98 -8.69
N VAL A 436 -18.02 13.65 -8.48
CA VAL A 436 -19.33 13.05 -8.54
C VAL A 436 -19.78 13.03 -9.99
N ILE A 437 -20.20 11.88 -10.51
CA ILE A 437 -20.60 11.80 -11.92
C ILE A 437 -22.06 11.42 -12.13
N THR A 438 -22.69 10.92 -11.07
CA THR A 438 -24.08 10.50 -11.11
C THR A 438 -24.47 10.72 -9.68
N GLN A 439 -25.76 10.65 -9.37
CA GLN A 439 -26.19 10.66 -7.99
C GLN A 439 -25.56 9.48 -7.31
N ASN A 440 -25.54 8.36 -8.00
CA ASN A 440 -24.95 7.14 -7.49
C ASN A 440 -23.46 6.90 -7.73
N LEU A 441 -22.93 7.27 -8.89
CA LEU A 441 -21.55 6.88 -9.22
C LEU A 441 -20.55 8.02 -9.05
N SER A 442 -19.32 7.67 -8.72
CA SER A 442 -18.26 8.62 -8.54
C SER A 442 -17.04 7.97 -9.11
N VAL A 443 -16.04 8.75 -9.47
CA VAL A 443 -14.78 8.19 -9.94
C VAL A 443 -13.63 9.04 -9.42
N ASN A 444 -12.47 8.43 -9.25
CA ASN A 444 -11.34 9.21 -8.80
C ASN A 444 -9.99 8.79 -9.33
N GLY A 445 -9.04 9.70 -9.17
CA GLY A 445 -7.68 9.51 -9.58
C GLY A 445 -6.79 10.02 -8.47
N GLY A 446 -5.71 9.29 -8.21
CA GLY A 446 -4.76 9.67 -7.17
C GLY A 446 -3.34 9.35 -7.58
N VAL A 447 -2.41 10.18 -7.15
CA VAL A 447 -0.98 9.99 -7.43
C VAL A 447 -0.20 10.05 -6.12
N ALA A 448 0.52 8.97 -5.83
CA ALA A 448 1.30 8.83 -4.60
C ALA A 448 2.78 8.60 -4.91
N TYR A 449 3.65 9.24 -4.13
CA TYR A 449 5.09 9.14 -4.30
C TYR A 449 5.80 9.01 -2.95
N GLN A 450 6.64 7.97 -2.83
CA GLN A 450 7.35 7.67 -1.59
C GLN A 450 8.85 7.72 -1.79
N ALA A 451 9.57 8.33 -0.86
CA ALA A 451 11.02 8.35 -0.95
C ALA A 451 11.67 8.06 0.39
N GLY A 452 12.71 7.24 0.35
CA GLY A 452 13.46 6.92 1.55
C GLY A 452 14.91 7.26 1.32
N GLY A 453 15.77 6.28 1.48
CA GLY A 453 17.20 6.46 1.22
C GLY A 453 17.49 6.68 -0.25
N HIS A 454 18.74 6.99 -0.56
CA HIS A 454 19.15 7.08 -1.94
C HIS A 454 18.71 5.80 -2.64
N GLY A 455 17.98 5.94 -3.73
CA GLY A 455 17.55 4.79 -4.53
C GLY A 455 16.25 4.09 -4.18
N SER A 456 15.41 4.74 -3.36
CA SER A 456 14.09 4.20 -3.00
C SER A 456 12.94 5.11 -3.38
N ASN A 457 11.94 4.53 -4.03
CA ASN A 457 10.90 5.30 -4.66
C ASN A 457 9.70 4.42 -4.82
N ALA A 458 8.54 5.03 -4.95
CA ALA A 458 7.41 4.29 -5.38
C ALA A 458 6.69 5.45 -5.96
N ILE A 459 6.15 5.29 -7.14
CA ILE A 459 5.33 6.29 -7.75
C ILE A 459 4.12 5.46 -8.11
N SER A 460 2.94 5.88 -7.73
CA SER A 460 1.77 5.05 -7.95
C SER A 460 0.63 5.91 -8.46
N GLY A 461 -0.15 5.37 -9.39
CA GLY A 461 -1.34 6.06 -9.88
C GLY A 461 -2.50 5.09 -9.78
N ALA A 462 -3.58 5.52 -9.14
CA ALA A 462 -4.72 4.64 -8.94
C ALA A 462 -5.97 5.29 -9.49
N LEU A 463 -6.89 4.47 -9.99
CA LEU A 463 -8.20 4.93 -10.41
C LEU A 463 -9.24 4.08 -9.72
N GLY A 464 -10.14 4.71 -8.99
CA GLY A 464 -11.16 3.98 -8.24
C GLY A 464 -12.57 4.39 -8.62
N ILE A 465 -13.49 3.44 -8.56
CA ILE A 465 -14.89 3.67 -8.90
C ILE A 465 -15.78 3.14 -7.78
N LYS A 466 -16.75 3.94 -7.35
CA LYS A 466 -17.67 3.52 -6.31
C LYS A 466 -19.10 3.81 -6.71
N TYR A 467 -20.03 2.98 -6.24
CA TYR A 467 -21.44 3.08 -6.62
C TYR A 467 -22.32 2.92 -5.40
N SER A 468 -22.85 4.03 -4.91
CA SER A 468 -23.80 4.02 -3.80
C SER A 468 -25.13 3.51 -4.33
N PHE A 469 -25.96 2.99 -3.42
CA PHE A 469 -27.22 2.34 -3.80
C PHE A 469 -28.36 3.33 -3.96
#